data_5IR2
#
_entry.id   5IR2
#
_cell.length_a   100.240
_cell.length_b   100.240
_cell.length_c   129.698
_cell.angle_alpha   90.000
_cell.angle_beta   90.000
_cell.angle_gamma   120.000
#
_symmetry.space_group_name_H-M   'P 63 2 2'
#
loop_
_entity.id
_entity.type
_entity.pdbx_description
1 polymer Cellulase
2 non-polymer '2-[N-CYCLOHEXYLAMINO]ETHANE SULFONIC ACID'
3 non-polymer 'S,R MESO-TARTARIC ACID'
4 non-polymer 1,2-ETHANEDIOL
5 water water
#
_entity_poly.entity_id   1
_entity_poly.type   'polypeptide(L)'
_entity_poly.pdbx_seq_one_letter_code
;YKKEIG(MSE)(MSE)NLEKLIQDREGISSKKFPIEDKELLFRYEQLYTGAVNDV(MSE)REFCLLEQALPGRIKPLREY
HSVAGFAFTVKSAPNVKIKGE(MSE)EYRTQ(MSE)LDE(MSE)QEDHFVVWDTSRDDKATLWGGV(MSE)TATAKGKKL
KAACIDGGIRDTHQILNADFPVFYEYRISNGSLGRCLITHYQIPIKIGDVTIKSGDIILGDIDGVLVVPREIAYEVLLRS
EEIRENEKKI
;
_entity_poly.pdbx_strand_id   A
#
loop_
_chem_comp.id
_chem_comp.type
_chem_comp.name
_chem_comp.formula
EDO non-polymer 1,2-ETHANEDIOL 'C2 H6 O2'
NHE non-polymer '2-[N-CYCLOHEXYLAMINO]ETHANE SULFONIC ACID' 'C8 H17 N O3 S'
SRT non-polymer 'S,R MESO-TARTARIC ACID' 'C4 H6 O6'
#
# COMPACT_ATOMS: atom_id res chain seq x y z
N TYR A 1 -18.34 20.07 25.70
CA TYR A 1 -18.14 18.64 25.52
C TYR A 1 -16.65 18.33 25.34
N LYS A 2 -15.86 18.58 26.39
CA LYS A 2 -14.51 18.05 26.51
C LYS A 2 -14.41 17.02 27.62
N LYS A 3 -15.41 16.96 28.51
CA LYS A 3 -15.54 15.92 29.52
C LYS A 3 -16.09 14.63 28.93
N GLU A 4 -16.72 14.70 27.76
CA GLU A 4 -17.26 13.49 27.14
C GLU A 4 -16.16 12.53 26.73
N ILE A 5 -15.04 13.07 26.21
CA ILE A 5 -13.92 12.22 25.84
C ILE A 5 -13.29 11.59 27.08
N GLY A 6 -13.17 12.37 28.16
CA GLY A 6 -12.71 11.83 29.42
C GLY A 6 -13.68 10.83 30.03
N MSE A 7 -14.94 10.89 29.64
CA MSE A 7 -15.94 9.94 30.10
C MSE A 7 -15.81 8.63 29.35
O MSE A 7 -16.29 7.58 29.80
CB MSE A 7 -17.35 10.53 29.93
CG MSE A 7 -18.47 9.72 30.57
SE MSE A 7 -20.22 10.56 30.28
CE MSE A 7 -20.15 10.70 28.33
N MSE A 8 -15.15 8.67 28.20
CA MSE A 8 -14.94 7.49 27.38
C MSE A 8 -13.67 6.74 27.79
O MSE A 8 -12.77 7.31 28.42
CB MSE A 8 -14.87 7.86 25.89
CG MSE A 8 -16.12 8.51 25.33
SE MSE A 8 -15.86 9.15 23.51
CE MSE A 8 -17.67 9.82 23.12
N ASN A 9 -13.61 5.45 27.45
CA ASN A 9 -12.46 4.60 27.67
C ASN A 9 -11.97 4.16 26.29
N LEU A 10 -11.12 4.98 25.68
CA LEU A 10 -10.69 4.78 24.30
C LEU A 10 -9.24 4.32 24.20
N GLU A 11 -8.59 4.02 25.33
CA GLU A 11 -7.19 3.62 25.29
C GLU A 11 -7.00 2.32 24.51
N LYS A 12 -7.89 1.35 24.72
CA LYS A 12 -7.79 0.09 24.00
C LYS A 12 -8.05 0.29 22.51
N LEU A 13 -8.98 1.17 22.16
CA LEU A 13 -9.29 1.43 20.76
C LEU A 13 -8.14 2.14 20.07
N ILE A 14 -7.54 3.14 20.72
CA ILE A 14 -6.44 3.88 20.11
C ILE A 14 -5.25 2.97 19.84
N GLN A 15 -4.94 2.08 20.79
CA GLN A 15 -3.84 1.15 20.58
C GLN A 15 -4.14 0.17 19.45
N ASP A 16 -5.39 -0.29 19.35
CA ASP A 16 -5.75 -1.25 18.31
C ASP A 16 -5.69 -0.62 16.93
N ARG A 17 -6.14 0.63 16.80
CA ARG A 17 -6.24 1.28 15.50
C ARG A 17 -4.97 2.02 15.10
N GLU A 18 -4.34 2.71 16.05
CA GLU A 18 -3.17 3.52 15.75
C GLU A 18 -1.85 2.85 16.15
N GLY A 19 -1.90 1.69 16.79
CA GLY A 19 -0.67 1.02 17.19
C GLY A 19 0.06 0.47 15.99
N ILE A 20 1.38 0.69 15.95
CA ILE A 20 2.23 0.22 14.85
C ILE A 20 3.19 -0.84 15.42
N SER A 21 3.34 -1.93 14.68
CA SER A 21 4.20 -3.02 15.11
C SER A 21 5.65 -2.73 14.71
N SER A 22 6.53 -2.66 15.71
CA SER A 22 7.96 -2.52 15.49
C SER A 22 8.68 -3.87 15.49
N LYS A 23 8.00 -4.93 15.08
CA LYS A 23 8.57 -6.27 15.15
C LYS A 23 9.68 -6.46 14.11
N LYS A 24 10.77 -7.05 14.54
CA LYS A 24 11.88 -7.37 13.65
C LYS A 24 11.74 -8.79 13.11
N PHE A 25 12.26 -9.01 11.91
CA PHE A 25 12.11 -10.33 11.34
C PHE A 25 13.38 -11.16 11.57
N PRO A 26 13.24 -12.48 11.70
CA PRO A 26 14.44 -13.33 11.84
C PRO A 26 15.35 -13.34 10.62
N ILE A 27 14.91 -12.77 9.50
CA ILE A 27 15.71 -12.69 8.28
C ILE A 27 15.82 -11.23 7.86
N GLU A 28 16.69 -10.98 6.89
CA GLU A 28 16.86 -9.64 6.37
C GLU A 28 15.59 -9.18 5.65
N ASP A 29 15.39 -7.86 5.62
CA ASP A 29 14.20 -7.29 4.99
C ASP A 29 14.12 -7.67 3.52
N LYS A 30 15.25 -7.55 2.80
CA LYS A 30 15.23 -7.87 1.37
C LYS A 30 15.02 -9.35 1.12
N GLU A 31 15.46 -10.21 2.05
CA GLU A 31 15.19 -11.63 1.90
C GLU A 31 13.72 -11.94 2.13
N LEU A 32 13.09 -11.26 3.09
CA LEU A 32 11.66 -11.43 3.31
C LEU A 32 10.87 -11.03 2.06
N LEU A 33 11.21 -9.89 1.46
CA LEU A 33 10.50 -9.44 0.27
C LEU A 33 10.74 -10.37 -0.91
N PHE A 34 11.99 -10.81 -1.10
CA PHE A 34 12.29 -11.68 -2.23
C PHE A 34 11.57 -13.01 -2.12
N ARG A 35 11.48 -13.57 -0.91
CA ARG A 35 10.79 -14.84 -0.75
C ARG A 35 9.28 -14.68 -0.93
N TYR A 36 8.72 -13.53 -0.57
CA TYR A 36 7.31 -13.28 -0.84
C TYR A 36 7.05 -13.16 -2.34
N GLU A 37 8.01 -12.64 -3.09
CA GLU A 37 7.86 -12.48 -4.54
C GLU A 37 7.95 -13.81 -5.28
N GLN A 38 8.20 -14.91 -4.59
CA GLN A 38 8.16 -16.24 -5.19
C GLN A 38 6.82 -16.93 -4.96
N LEU A 39 5.80 -16.18 -4.52
CA LEU A 39 4.49 -16.71 -4.22
C LEU A 39 3.42 -15.89 -4.94
N TYR A 40 2.31 -16.56 -5.27
CA TYR A 40 1.17 -15.87 -5.83
C TYR A 40 0.33 -15.26 -4.71
N THR A 41 -0.37 -14.16 -5.03
CA THR A 41 -1.18 -13.49 -4.02
C THR A 41 -2.30 -14.39 -3.52
N GLY A 42 -2.87 -15.21 -4.40
CA GLY A 42 -3.93 -16.11 -3.98
C GLY A 42 -3.47 -17.14 -2.97
N ALA A 43 -2.23 -17.60 -3.11
CA ALA A 43 -1.69 -18.58 -2.16
C ALA A 43 -1.47 -17.95 -0.80
N VAL A 44 -0.90 -16.74 -0.76
CA VAL A 44 -0.72 -16.04 0.50
C VAL A 44 -2.07 -15.66 1.11
N ASN A 45 -3.04 -15.34 0.24
CA ASN A 45 -4.38 -14.99 0.72
C ASN A 45 -5.02 -16.18 1.43
N ASP A 46 -4.90 -17.37 0.86
CA ASP A 46 -5.49 -18.56 1.48
C ASP A 46 -4.83 -18.88 2.80
N VAL A 47 -3.53 -18.60 2.94
CA VAL A 47 -2.83 -18.88 4.19
C VAL A 47 -3.38 -18.01 5.31
N MSE A 48 -3.65 -16.74 5.02
CA MSE A 48 -4.16 -15.83 6.05
C MSE A 48 -5.61 -16.15 6.44
O MSE A 48 -6.09 -15.71 7.49
CB MSE A 48 -4.04 -14.39 5.59
CG MSE A 48 -2.62 -13.85 5.70
SE MSE A 48 -2.48 -11.95 5.31
CE MSE A 48 -3.09 -11.99 3.46
N ARG A 49 -6.30 -16.93 5.59
CA ARG A 49 -7.59 -17.48 6.00
C ARG A 49 -7.43 -18.35 7.24
N GLU A 50 -6.36 -19.13 7.31
CA GLU A 50 -6.09 -19.96 8.48
C GLU A 50 -5.85 -19.11 9.72
N PHE A 51 -5.44 -17.86 9.55
CA PHE A 51 -5.32 -16.90 10.65
C PHE A 51 -6.62 -16.16 10.90
N CYS A 52 -7.73 -16.62 10.33
CA CYS A 52 -9.05 -16.00 10.47
C CYS A 52 -9.07 -14.57 9.91
N LEU A 53 -8.33 -14.34 8.84
CA LEU A 53 -8.30 -13.04 8.16
C LEU A 53 -8.89 -13.23 6.77
N LEU A 54 -10.08 -12.66 6.56
CA LEU A 54 -10.82 -12.83 5.32
C LEU A 54 -10.90 -11.56 4.48
N GLU A 55 -10.43 -10.42 4.99
CA GLU A 55 -10.54 -9.14 4.32
C GLU A 55 -9.17 -8.46 4.26
N GLN A 56 -8.21 -9.12 3.60
CA GLN A 56 -6.86 -8.60 3.49
C GLN A 56 -6.50 -8.11 2.09
N ALA A 57 -7.38 -8.29 1.11
CA ALA A 57 -7.11 -7.86 -0.25
C ALA A 57 -7.68 -6.47 -0.52
N LEU A 58 -6.93 -5.68 -1.27
CA LEU A 58 -7.47 -4.42 -1.78
C LEU A 58 -8.70 -4.72 -2.65
N PRO A 59 -9.66 -3.80 -2.71
CA PRO A 59 -10.91 -4.09 -3.44
C PRO A 59 -10.67 -4.37 -4.92
N GLY A 60 -11.63 -5.08 -5.51
CA GLY A 60 -11.53 -5.56 -6.88
C GLY A 60 -11.44 -4.46 -7.93
N ARG A 61 -11.75 -3.22 -7.57
CA ARG A 61 -11.58 -2.12 -8.50
C ARG A 61 -10.12 -1.80 -8.78
N ILE A 62 -9.20 -2.30 -7.94
CA ILE A 62 -7.78 -2.08 -8.14
C ILE A 62 -7.26 -3.06 -9.18
N LYS A 63 -6.58 -2.56 -10.20
CA LYS A 63 -6.06 -3.39 -11.27
C LYS A 63 -4.62 -3.01 -11.57
N PRO A 64 -3.81 -3.95 -12.03
CA PRO A 64 -2.42 -3.65 -12.37
C PRO A 64 -2.29 -3.06 -13.77
N LEU A 65 -1.31 -2.17 -13.91
CA LEU A 65 -1.04 -1.58 -15.21
C LEU A 65 -0.49 -2.61 -16.20
N ARG A 66 0.27 -3.58 -15.71
CA ARG A 66 0.73 -4.70 -16.50
C ARG A 66 0.47 -5.99 -15.73
N GLU A 67 0.51 -7.11 -16.43
CA GLU A 67 0.26 -8.42 -15.83
C GLU A 67 1.50 -8.84 -15.04
N TYR A 68 1.67 -8.19 -13.89
CA TYR A 68 2.89 -8.33 -13.12
C TYR A 68 3.01 -9.70 -12.47
N HIS A 69 4.25 -10.16 -12.35
CA HIS A 69 4.56 -11.17 -11.36
C HIS A 69 4.70 -10.51 -9.99
N SER A 70 4.78 -11.34 -8.96
CA SER A 70 4.68 -10.84 -7.59
C SER A 70 5.76 -9.80 -7.28
N VAL A 71 5.32 -8.68 -6.72
CA VAL A 71 6.22 -7.63 -6.24
C VAL A 71 5.83 -7.32 -4.79
N ALA A 72 6.82 -7.27 -3.90
CA ALA A 72 6.58 -7.12 -2.47
C ALA A 72 7.34 -5.91 -1.94
N GLY A 73 6.73 -5.21 -0.98
CA GLY A 73 7.35 -4.07 -0.36
C GLY A 73 6.71 -3.79 0.98
N PHE A 74 7.25 -2.78 1.67
CA PHE A 74 6.74 -2.36 2.97
C PHE A 74 5.84 -1.13 2.79
N ALA A 75 4.69 -1.15 3.46
CA ALA A 75 3.65 -0.16 3.20
C ALA A 75 4.10 1.24 3.58
N PHE A 76 3.95 2.17 2.64
CA PHE A 76 4.04 3.60 2.88
C PHE A 76 2.66 4.17 2.57
N THR A 77 1.91 4.53 3.62
CA THR A 77 0.52 4.93 3.45
C THR A 77 0.39 6.42 3.21
N VAL A 78 -0.55 6.80 2.33
CA VAL A 78 -0.87 8.19 2.02
C VAL A 78 -2.37 8.36 2.06
N LYS A 79 -2.83 9.51 2.55
CA LYS A 79 -4.25 9.82 2.68
C LYS A 79 -4.52 11.19 2.07
N SER A 80 -5.43 11.24 1.11
CA SER A 80 -5.86 12.50 0.50
C SER A 80 -7.37 12.46 0.31
N ALA A 81 -7.94 13.59 -0.09
CA ALA A 81 -9.37 13.71 -0.34
C ALA A 81 -9.60 14.83 -1.34
N PRO A 82 -10.68 14.77 -2.12
CA PRO A 82 -11.01 15.90 -2.99
C PRO A 82 -11.16 17.17 -2.18
N ASN A 83 -10.63 18.27 -2.72
CA ASN A 83 -10.60 19.51 -1.97
C ASN A 83 -10.49 20.67 -2.95
N VAL A 84 -11.25 21.74 -2.68
CA VAL A 84 -11.16 22.95 -3.48
C VAL A 84 -9.92 23.76 -3.11
N LYS A 85 -9.48 23.68 -1.86
CA LYS A 85 -8.36 24.47 -1.39
C LYS A 85 -7.09 24.09 -2.13
N ILE A 86 -6.29 25.10 -2.48
CA ILE A 86 -5.09 24.92 -3.29
C ILE A 86 -3.82 25.16 -2.48
N LYS A 87 -3.80 26.21 -1.66
CA LYS A 87 -2.57 26.65 -1.03
C LYS A 87 -2.13 25.70 0.08
N GLY A 88 -0.87 25.85 0.48
CA GLY A 88 -0.26 24.91 1.41
C GLY A 88 0.36 23.73 0.68
N GLU A 89 0.19 22.54 1.27
CA GLU A 89 0.49 21.25 0.65
C GLU A 89 1.98 20.95 0.54
N MSE A 90 2.77 21.95 0.16
CA MSE A 90 4.21 21.75 -0.02
C MSE A 90 4.86 21.25 1.27
O MSE A 90 5.72 20.37 1.25
CB MSE A 90 4.89 23.05 -0.48
CG MSE A 90 4.17 23.76 -1.61
SE MSE A 90 5.33 25.09 -2.47
CE MSE A 90 3.99 26.18 -3.37
N GLU A 91 4.42 21.81 2.41
CA GLU A 91 4.89 21.34 3.71
C GLU A 91 4.60 19.86 3.89
N TYR A 92 3.39 19.43 3.52
CA TYR A 92 3.05 18.01 3.63
C TYR A 92 3.76 17.20 2.55
N ARG A 93 3.79 17.69 1.31
CA ARG A 93 4.29 16.88 0.21
C ARG A 93 5.80 16.74 0.25
N THR A 94 6.52 17.83 0.51
CA THR A 94 7.99 17.74 0.54
C THR A 94 8.47 16.89 1.70
N GLN A 95 7.84 17.01 2.87
CA GLN A 95 8.19 16.16 4.00
C GLN A 95 7.86 14.70 3.70
N MSE A 96 6.77 14.46 2.97
CA MSE A 96 6.34 13.11 2.64
C MSE A 96 7.34 12.41 1.71
O MSE A 96 7.67 11.24 1.91
CB MSE A 96 4.96 13.12 1.99
CG MSE A 96 4.41 11.76 1.65
SE MSE A 96 2.79 11.91 0.59
CE MSE A 96 3.58 12.60 -1.05
N LEU A 97 7.81 13.15 0.70
CA LEU A 97 8.76 12.57 -0.24
C LEU A 97 10.07 12.20 0.44
N ASP A 98 10.50 12.99 1.42
CA ASP A 98 11.76 12.71 2.10
C ASP A 98 11.70 11.43 2.90
N GLU A 99 10.51 11.02 3.34
CA GLU A 99 10.32 9.81 4.13
C GLU A 99 10.14 8.56 3.29
N MSE A 100 9.93 8.70 1.98
CA MSE A 100 9.87 7.54 1.10
C MSE A 100 11.28 7.00 0.89
O MSE A 100 12.16 7.72 0.42
CB MSE A 100 9.23 7.91 -0.24
CG MSE A 100 7.77 8.32 -0.13
SE MSE A 100 7.02 8.76 -1.89
CE MSE A 100 5.18 9.12 -1.35
N GLN A 101 11.49 5.74 1.24
N GLN A 101 11.48 5.74 1.25
CA GLN A 101 12.80 5.11 1.20
CA GLN A 101 12.79 5.10 1.22
C GLN A 101 12.77 3.87 0.31
C GLN A 101 12.76 3.87 0.32
N GLU A 102 13.91 3.22 0.19
CA GLU A 102 14.03 2.03 -0.64
C GLU A 102 13.15 0.91 -0.10
N ASP A 103 12.56 0.15 -1.03
CA ASP A 103 11.69 -0.99 -0.79
C ASP A 103 10.34 -0.61 -0.20
N HIS A 104 9.96 0.66 -0.25
CA HIS A 104 8.62 1.07 0.15
C HIS A 104 7.61 0.74 -0.93
N PHE A 105 6.38 0.45 -0.49
CA PHE A 105 5.26 0.15 -1.38
C PHE A 105 4.17 1.16 -1.04
N VAL A 106 3.99 2.16 -1.90
CA VAL A 106 3.01 3.21 -1.63
C VAL A 106 1.60 2.65 -1.73
N VAL A 107 0.79 2.90 -0.70
CA VAL A 107 -0.64 2.60 -0.70
C VAL A 107 -1.38 3.90 -0.41
N TRP A 108 -2.16 4.36 -1.39
CA TRP A 108 -2.71 5.71 -1.37
C TRP A 108 -4.23 5.64 -1.25
N ASP A 109 -4.76 6.15 -0.14
CA ASP A 109 -6.21 6.31 0.05
C ASP A 109 -6.58 7.71 -0.44
N THR A 110 -7.35 7.78 -1.52
CA THR A 110 -7.75 9.05 -2.12
C THR A 110 -9.12 9.52 -1.67
N SER A 111 -9.72 8.85 -0.67
CA SER A 111 -11.09 9.12 -0.26
C SER A 111 -12.07 8.95 -1.42
N ARG A 112 -11.81 7.94 -2.25
CA ARG A 112 -12.66 7.59 -3.39
C ARG A 112 -12.80 8.77 -4.36
N ASP A 113 -11.68 9.44 -4.64
CA ASP A 113 -11.68 10.53 -5.61
C ASP A 113 -11.83 9.96 -7.02
N ASP A 114 -12.79 10.48 -7.78
CA ASP A 114 -13.05 10.02 -9.13
C ASP A 114 -12.82 11.10 -10.18
N LYS A 115 -12.27 12.25 -9.79
CA LYS A 115 -12.11 13.37 -10.71
C LYS A 115 -10.67 13.68 -11.08
N ALA A 116 -9.69 13.34 -10.23
CA ALA A 116 -8.31 13.74 -10.42
C ALA A 116 -7.38 12.55 -10.23
N THR A 117 -6.10 12.78 -10.51
CA THR A 117 -5.06 11.78 -10.36
C THR A 117 -4.15 12.13 -9.20
N LEU A 118 -3.59 11.11 -8.55
CA LEU A 118 -2.65 11.29 -7.46
C LEU A 118 -1.24 10.82 -7.79
N TRP A 119 -1.05 10.17 -8.94
CA TRP A 119 0.23 9.58 -9.28
C TRP A 119 0.45 9.75 -10.78
N GLY A 120 1.57 10.36 -11.14
CA GLY A 120 1.90 10.57 -12.54
C GLY A 120 3.36 10.34 -12.86
N GLY A 121 3.89 11.08 -13.84
CA GLY A 121 5.27 10.86 -14.26
C GLY A 121 6.29 11.33 -13.25
N VAL A 122 5.98 12.43 -12.54
CA VAL A 122 6.94 12.97 -11.58
C VAL A 122 7.04 12.07 -10.36
N MSE A 123 5.91 11.59 -9.85
CA MSE A 123 5.92 10.67 -8.71
C MSE A 123 6.62 9.37 -9.06
O MSE A 123 7.35 8.81 -8.24
CB MSE A 123 4.50 10.39 -8.22
CG MSE A 123 3.80 11.58 -7.60
SE MSE A 123 4.74 12.30 -6.05
CE MSE A 123 4.91 10.66 -5.01
N THR A 124 6.40 8.90 -10.29
CA THR A 124 7.01 7.64 -10.72
C THR A 124 8.53 7.77 -10.82
N ALA A 125 9.01 8.86 -11.44
CA ALA A 125 10.44 9.08 -11.53
C ALA A 125 11.06 9.27 -10.15
N THR A 126 10.34 9.94 -9.25
CA THR A 126 10.83 10.10 -7.89
C THR A 126 10.90 8.75 -7.17
N ALA A 127 9.88 7.90 -7.35
CA ALA A 127 9.87 6.60 -6.70
C ALA A 127 10.93 5.67 -7.28
N LYS A 128 11.18 5.75 -8.58
CA LYS A 128 12.23 4.95 -9.20
C LYS A 128 13.61 5.35 -8.66
N GLY A 129 13.85 6.66 -8.55
CA GLY A 129 15.13 7.11 -8.05
C GLY A 129 15.38 6.72 -6.61
N LYS A 130 14.32 6.63 -5.81
CA LYS A 130 14.43 6.20 -4.42
C LYS A 130 14.37 4.69 -4.26
N LYS A 131 14.25 3.95 -5.37
CA LYS A 131 14.21 2.48 -5.35
C LYS A 131 13.00 1.95 -4.57
N LEU A 132 11.84 2.59 -4.75
CA LEU A 132 10.61 2.01 -4.23
C LEU A 132 10.22 0.79 -5.05
N LYS A 133 9.37 -0.05 -4.46
CA LYS A 133 8.96 -1.30 -5.11
C LYS A 133 7.78 -1.10 -6.05
N ALA A 134 6.72 -0.43 -5.58
CA ALA A 134 5.53 -0.24 -6.39
C ALA A 134 4.68 0.84 -5.75
N ALA A 135 3.53 1.11 -6.37
CA ALA A 135 2.57 2.07 -5.85
C ALA A 135 1.16 1.57 -6.14
N CYS A 136 0.30 1.62 -5.14
CA CYS A 136 -1.10 1.24 -5.26
C CYS A 136 -1.96 2.47 -4.99
N ILE A 137 -2.67 2.94 -6.00
CA ILE A 137 -3.47 4.16 -5.92
C ILE A 137 -4.94 3.77 -6.05
N ASP A 138 -5.71 4.02 -5.00
CA ASP A 138 -7.16 3.82 -5.06
C ASP A 138 -7.82 5.03 -5.74
N GLY A 139 -7.44 5.23 -7.00
CA GLY A 139 -7.89 6.39 -7.74
C GLY A 139 -7.23 6.48 -9.10
N GLY A 140 -7.05 7.73 -9.55
CA GLY A 140 -6.59 7.97 -10.91
C GLY A 140 -5.09 8.12 -11.02
N ILE A 141 -4.57 7.74 -12.19
CA ILE A 141 -3.18 7.97 -12.57
C ILE A 141 -3.18 8.61 -13.96
N ARG A 142 -2.03 9.22 -14.30
CA ARG A 142 -1.84 9.79 -15.63
C ARG A 142 -0.36 9.70 -15.99
N ASP A 143 -0.01 10.28 -17.14
CA ASP A 143 1.34 10.17 -17.72
C ASP A 143 1.75 8.71 -17.87
N THR A 144 0.82 7.89 -18.37
CA THR A 144 1.03 6.44 -18.36
C THR A 144 2.15 6.02 -19.30
N HIS A 145 2.39 6.77 -20.39
CA HIS A 145 3.55 6.49 -21.23
C HIS A 145 4.84 6.60 -20.44
N GLN A 146 4.94 7.62 -19.58
N GLN A 146 4.94 7.63 -19.58
CA GLN A 146 6.14 7.77 -18.75
CA GLN A 146 6.13 7.77 -18.75
C GLN A 146 6.21 6.69 -17.67
C GLN A 146 6.19 6.68 -17.69
N ILE A 147 5.04 6.29 -17.14
CA ILE A 147 5.02 5.24 -16.13
C ILE A 147 5.48 3.91 -16.73
N LEU A 148 4.95 3.58 -17.91
CA LEU A 148 5.34 2.33 -18.57
C LEU A 148 6.83 2.34 -18.92
N ASN A 149 7.34 3.48 -19.38
CA ASN A 149 8.75 3.56 -19.75
C ASN A 149 9.66 3.43 -18.54
N ALA A 150 9.17 3.75 -17.34
CA ALA A 150 9.99 3.68 -16.14
C ALA A 150 10.08 2.27 -15.56
N ASP A 151 9.26 1.34 -16.04
N ASP A 151 9.26 1.34 -16.04
CA ASP A 151 9.25 -0.03 -15.52
CA ASP A 151 9.24 -0.04 -15.53
C ASP A 151 9.03 -0.05 -14.01
C ASP A 151 9.02 -0.06 -14.01
N PHE A 152 7.99 0.66 -13.58
CA PHE A 152 7.66 0.78 -12.17
C PHE A 152 6.25 0.22 -11.96
N PRO A 153 6.08 -0.83 -11.14
CA PRO A 153 4.75 -1.44 -10.99
C PRO A 153 3.77 -0.47 -10.35
N VAL A 154 2.60 -0.33 -10.98
CA VAL A 154 1.57 0.58 -10.53
C VAL A 154 0.23 -0.15 -10.55
N PHE A 155 -0.50 -0.05 -9.44
CA PHE A 155 -1.86 -0.57 -9.32
C PHE A 155 -2.79 0.60 -9.10
N TYR A 156 -3.90 0.64 -9.84
CA TYR A 156 -4.72 1.83 -9.91
C TYR A 156 -6.16 1.46 -10.18
N GLU A 157 -7.03 2.47 -10.22
CA GLU A 157 -8.45 2.31 -10.47
C GLU A 157 -8.86 2.80 -11.86
N TYR A 158 -8.44 4.00 -12.23
CA TYR A 158 -8.80 4.57 -13.53
C TYR A 158 -7.68 5.51 -13.98
N ARG A 159 -7.82 6.02 -15.20
CA ARG A 159 -6.88 6.97 -15.76
C ARG A 159 -7.64 8.19 -16.28
N ILE A 160 -7.10 9.37 -16.00
CA ILE A 160 -7.69 10.62 -16.45
C ILE A 160 -6.59 11.67 -16.50
N SER A 161 -6.81 12.75 -17.26
CA SER A 161 -5.77 13.75 -17.44
C SER A 161 -5.81 14.87 -16.41
N ASN A 162 -6.82 14.89 -15.53
CA ASN A 162 -6.91 15.91 -14.49
C ASN A 162 -5.82 15.71 -13.45
N GLY A 163 -5.06 16.77 -13.15
CA GLY A 163 -4.05 16.70 -12.12
C GLY A 163 -4.61 16.90 -10.72
N SER A 164 -3.76 16.65 -9.74
CA SER A 164 -4.19 16.74 -8.34
C SER A 164 -4.33 18.20 -7.90
N LEU A 165 -3.46 19.06 -8.41
CA LEU A 165 -3.44 20.47 -7.99
C LEU A 165 -4.78 21.12 -8.29
N GLY A 166 -5.39 21.72 -7.26
CA GLY A 166 -6.69 22.34 -7.41
C GLY A 166 -7.87 21.41 -7.34
N ARG A 167 -7.65 20.11 -7.17
CA ARG A 167 -8.75 19.15 -7.08
C ARG A 167 -8.68 18.23 -5.88
N CYS A 168 -7.49 17.98 -5.30
N CYS A 168 -7.52 18.05 -5.26
CA CYS A 168 -7.35 17.18 -4.10
CA CYS A 168 -7.44 17.24 -4.04
C CYS A 168 -6.27 17.77 -3.22
C CYS A 168 -6.21 17.66 -3.25
N LEU A 169 -6.24 17.32 -1.96
CA LEU A 169 -5.20 17.70 -1.03
C LEU A 169 -4.80 16.52 -0.16
N ILE A 170 -3.50 16.33 0.01
CA ILE A 170 -3.00 15.34 0.96
C ILE A 170 -3.20 15.86 2.38
N THR A 171 -3.81 15.05 3.24
CA THR A 171 -4.03 15.43 4.63
C THR A 171 -3.15 14.67 5.61
N HIS A 172 -2.81 13.42 5.31
CA HIS A 172 -1.97 12.63 6.20
C HIS A 172 -1.11 11.68 5.38
N TYR A 173 -0.05 11.18 6.01
CA TYR A 173 0.76 10.11 5.44
C TYR A 173 1.42 9.35 6.56
N GLN A 174 1.73 8.07 6.30
CA GLN A 174 2.30 7.16 7.29
C GLN A 174 1.39 7.04 8.53
N ILE A 175 0.09 7.00 8.28
CA ILE A 175 -0.89 6.69 9.33
C ILE A 175 -1.66 5.47 8.86
N PRO A 176 -2.40 4.81 9.76
CA PRO A 176 -3.29 3.74 9.32
C PRO A 176 -4.36 4.27 8.39
N ILE A 177 -4.59 3.56 7.29
CA ILE A 177 -5.61 3.90 6.32
C ILE A 177 -6.49 2.68 6.06
N LYS A 178 -7.66 2.93 5.50
CA LYS A 178 -8.63 1.88 5.17
C LYS A 178 -9.09 2.05 3.75
N ILE A 179 -8.83 1.04 2.91
CA ILE A 179 -9.28 1.01 1.53
C ILE A 179 -10.12 -0.24 1.34
N GLY A 180 -11.35 -0.07 0.91
CA GLY A 180 -12.26 -1.20 0.81
C GLY A 180 -12.51 -1.79 2.19
N ASP A 181 -12.19 -3.06 2.36
CA ASP A 181 -12.40 -3.74 3.64
C ASP A 181 -11.11 -3.86 4.46
N VAL A 182 -9.95 -3.55 3.90
CA VAL A 182 -8.68 -3.83 4.55
C VAL A 182 -8.11 -2.55 5.14
N THR A 183 -7.53 -2.67 6.33
CA THR A 183 -6.79 -1.59 6.97
C THR A 183 -5.31 -1.81 6.72
N ILE A 184 -4.61 -0.75 6.29
CA ILE A 184 -3.19 -0.80 5.99
C ILE A 184 -2.45 0.09 6.98
N LYS A 185 -1.39 -0.45 7.57
CA LYS A 185 -0.53 0.30 8.48
C LYS A 185 0.88 0.37 7.91
N SER A 186 1.62 1.40 8.29
CA SER A 186 3.00 1.55 7.86
C SER A 186 3.82 0.34 8.29
N GLY A 187 4.63 -0.18 7.36
CA GLY A 187 5.45 -1.34 7.63
C GLY A 187 4.82 -2.67 7.31
N ASP A 188 3.52 -2.71 7.04
CA ASP A 188 2.90 -3.95 6.60
C ASP A 188 3.51 -4.42 5.29
N ILE A 189 3.49 -5.74 5.09
CA ILE A 189 4.02 -6.33 3.86
C ILE A 189 2.93 -6.25 2.80
N ILE A 190 3.24 -5.58 1.69
CA ILE A 190 2.30 -5.38 0.59
C ILE A 190 2.75 -6.24 -0.58
N LEU A 191 1.85 -7.08 -1.07
CA LEU A 191 2.14 -8.01 -2.16
C LEU A 191 1.15 -7.73 -3.31
N GLY A 192 1.69 -7.47 -4.49
CA GLY A 192 0.86 -7.22 -5.66
C GLY A 192 1.31 -8.03 -6.85
N ASP A 193 0.34 -8.43 -7.66
CA ASP A 193 0.64 -9.18 -8.87
C ASP A 193 -0.52 -8.97 -9.85
N ILE A 194 -0.67 -9.92 -10.78
CA ILE A 194 -1.68 -9.81 -11.83
C ILE A 194 -3.10 -9.78 -11.26
N ASP A 195 -3.29 -10.23 -10.03
CA ASP A 195 -4.63 -10.37 -9.44
C ASP A 195 -4.87 -9.38 -8.30
N GLY A 196 -4.14 -8.27 -8.29
CA GLY A 196 -4.41 -7.20 -7.36
C GLY A 196 -3.35 -7.07 -6.28
N VAL A 197 -3.73 -6.40 -5.20
CA VAL A 197 -2.82 -6.06 -4.11
C VAL A 197 -3.32 -6.71 -2.82
N LEU A 198 -2.39 -7.18 -2.01
N LEU A 198 -2.39 -7.21 -2.03
CA LEU A 198 -2.70 -7.94 -0.82
CA LEU A 198 -2.68 -7.95 -0.81
C LEU A 198 -1.87 -7.42 0.36
C LEU A 198 -1.89 -7.35 0.34
N VAL A 199 -2.50 -7.36 1.53
CA VAL A 199 -1.89 -6.79 2.73
C VAL A 199 -1.64 -7.91 3.73
N VAL A 200 -0.39 -8.03 4.18
CA VAL A 200 0.00 -8.96 5.22
C VAL A 200 0.39 -8.15 6.46
N PRO A 201 -0.31 -8.30 7.58
CA PRO A 201 0.09 -7.58 8.80
C PRO A 201 1.52 -7.94 9.21
N ARG A 202 2.27 -6.91 9.61
CA ARG A 202 3.69 -7.09 9.90
C ARG A 202 3.92 -8.10 11.02
N GLU A 203 2.98 -8.20 11.96
CA GLU A 203 3.18 -9.06 13.13
C GLU A 203 3.18 -10.54 12.76
N ILE A 204 2.53 -10.92 11.66
CA ILE A 204 2.46 -12.32 11.24
C ILE A 204 3.14 -12.55 9.90
N ALA A 205 3.87 -11.55 9.39
CA ALA A 205 4.42 -11.65 8.04
C ALA A 205 5.38 -12.82 7.90
N TYR A 206 6.24 -13.03 8.91
CA TYR A 206 7.20 -14.13 8.82
C TYR A 206 6.51 -15.48 8.95
N GLU A 207 5.51 -15.59 9.84
N GLU A 207 5.53 -15.58 9.86
CA GLU A 207 4.79 -16.84 9.99
CA GLU A 207 4.76 -16.82 10.01
C GLU A 207 3.96 -17.15 8.75
C GLU A 207 3.98 -17.14 8.74
N VAL A 208 3.36 -16.13 8.13
CA VAL A 208 2.59 -16.34 6.91
C VAL A 208 3.52 -16.78 5.78
N LEU A 209 4.73 -16.25 5.74
CA LEU A 209 5.68 -16.64 4.69
C LEU A 209 6.04 -18.11 4.80
N LEU A 210 6.39 -18.57 6.01
CA LEU A 210 6.78 -19.97 6.19
C LEU A 210 5.63 -20.91 5.86
N ARG A 211 4.41 -20.55 6.27
CA ARG A 211 3.25 -21.39 5.99
C ARG A 211 2.94 -21.42 4.49
N SER A 212 3.10 -20.28 3.81
CA SER A 212 2.86 -20.25 2.37
C SER A 212 3.88 -21.09 1.61
N GLU A 213 5.16 -21.00 2.01
CA GLU A 213 6.18 -21.84 1.38
C GLU A 213 5.95 -23.30 1.68
N GLU A 214 5.51 -23.63 2.89
CA GLU A 214 5.24 -25.02 3.24
C GLU A 214 4.09 -25.58 2.41
N ILE A 215 3.03 -24.80 2.21
CA ILE A 215 1.93 -25.23 1.36
C ILE A 215 2.41 -25.42 -0.08
N ARG A 216 3.24 -24.49 -0.57
CA ARG A 216 3.71 -24.55 -1.95
C ARG A 216 4.53 -25.82 -2.20
N GLU A 217 5.36 -26.21 -1.24
CA GLU A 217 6.18 -27.40 -1.42
C GLU A 217 5.36 -28.68 -1.31
N ASN A 218 4.32 -28.69 -0.46
CA ASN A 218 3.48 -29.88 -0.35
C ASN A 218 2.60 -30.08 -1.57
N GLU A 219 2.23 -28.99 -2.26
CA GLU A 219 1.41 -29.12 -3.45
C GLU A 219 2.17 -29.80 -4.59
N LYS A 220 3.45 -29.48 -4.73
CA LYS A 220 4.24 -30.06 -5.82
C LYS A 220 4.36 -31.58 -5.65
N LYS A 221 4.57 -32.03 -4.42
CA LYS A 221 4.72 -33.45 -4.14
C LYS A 221 3.39 -34.19 -4.10
N ILE A 222 2.29 -33.49 -3.81
CA ILE A 222 0.99 -34.13 -3.76
C ILE A 222 0.11 -33.62 -4.89
C3' NHE B . -14.03 5.54 -13.16
C2' NHE B . -13.77 4.25 -12.39
C1' NHE B . -14.54 4.18 -11.07
C6' NHE B . -15.72 5.13 -11.10
N NHE B . -14.99 2.82 -10.87
C1 NHE B . -15.45 2.35 -9.56
C2 NHE B . -15.76 0.86 -9.59
S NHE B . -16.61 0.42 -8.23
O1 NHE B . -17.00 1.61 -7.53
O2 NHE B . -15.80 -0.39 -7.38
O3 NHE B . -17.95 -0.40 -8.69
C5' NHE B . -15.25 6.58 -11.23
C4' NHE B . -14.11 6.73 -12.23
O1 SRT C . 3.09 12.75 -10.57
O11 SRT C . 3.39 13.98 -12.36
C1 SRT C . 2.85 13.77 -11.25
C2 SRT C . 1.88 14.77 -10.69
O2 SRT C . 2.26 16.09 -11.10
C3 SRT C . 0.46 14.49 -11.16
O3 SRT C . 0.25 13.08 -11.34
C4 SRT C . -0.54 15.00 -10.16
O4 SRT C . -0.21 15.08 -8.95
O41 SRT C . -1.66 15.31 -10.58
C1 EDO D . 5.55 -16.48 -8.05
O1 EDO D . 6.52 -16.82 -9.04
C2 EDO D . 4.69 -15.33 -8.58
O2 EDO D . 5.56 -14.28 -9.02
C1 EDO E . -11.19 -9.53 8.76
O1 EDO E . -11.48 -10.93 8.69
C2 EDO E . -9.67 -9.32 8.69
O2 EDO E . -9.17 -9.76 7.41
#